data_7RBP
#
_entry.id   7RBP
#
_cell.length_a   80.140
_cell.length_b   83.665
_cell.length_c   113.810
_cell.angle_alpha   90.000
_cell.angle_beta   90.000
_cell.angle_gamma   90.000
#
_symmetry.space_group_name_H-M   'P 21 21 21'
#
loop_
_entity.id
_entity.type
_entity.pdbx_description
1 polymer 'Ornithine cyclodeaminase/mu-crystallin'
2 water water
#
_entity_poly.entity_id   1
_entity_poly.type   'polypeptide(L)'
_entity_poly.pdbx_seq_one_letter_code
;MASTNKDQITLSSSPIFISTENLRTILTHQTLINHIQSNLPKASTFLQTPIRQHYNLSPSSSLLLMPSWSSTPSFPYIGV
KLVTHFPENSSQNLPGVQGSYVLFNSTTGQTLASMDSTELTLYRTSCVSGLASKYLARDDSEILVMVGAGALAPHLIKAH
FSARPSLKKVFIWNRTVEKAINLAKKLSESDEFPLSGLSFEGCGNLDEVVGFGDIVSCATNSEAALVKGERLKVGAHLDL
VGSFKHSMKECDDEALKRGKVFVDNEAALVEAGELVGAFERGVIKEDEIGGNLLELIRGDKVGRSSSEEITVFKSVGSAV
VDMLAAQFVYETYTRT
;
_entity_poly.pdbx_strand_id   A,B
#
# COMPACT_ATOMS: atom_id res chain seq x y z
N GLN A 8 13.68 2.12 27.21
CA GLN A 8 15.04 2.64 27.21
C GLN A 8 16.06 1.55 27.52
N ILE A 9 15.69 0.62 28.40
CA ILE A 9 16.67 -0.27 29.02
C ILE A 9 16.88 -1.56 28.22
N THR A 10 17.31 -2.62 28.91
CA THR A 10 17.91 -3.86 28.39
C THR A 10 17.73 -4.14 26.90
N LEU A 11 18.83 -4.06 26.15
CA LEU A 11 18.93 -4.59 24.81
C LEU A 11 19.51 -6.00 24.84
N SER A 12 19.58 -6.63 23.68
CA SER A 12 20.12 -7.98 23.59
C SER A 12 20.59 -8.26 22.17
N SER A 13 21.71 -8.98 22.06
CA SER A 13 22.24 -9.41 20.76
C SER A 13 21.74 -10.79 20.36
N SER A 14 20.92 -11.43 21.21
CA SER A 14 20.24 -12.69 20.98
C SER A 14 18.77 -12.43 20.69
N PRO A 15 18.10 -13.33 19.98
CA PRO A 15 16.64 -13.22 19.88
C PRO A 15 15.98 -13.63 21.18
N ILE A 16 14.85 -13.01 21.48
CA ILE A 16 14.12 -13.24 22.72
C ILE A 16 12.83 -13.98 22.40
N PHE A 17 12.61 -15.08 23.10
CA PHE A 17 11.40 -15.89 22.91
C PHE A 17 10.31 -15.38 23.85
N ILE A 18 9.28 -14.77 23.28
CA ILE A 18 8.15 -14.26 24.04
C ILE A 18 7.04 -15.30 23.95
N SER A 19 6.81 -16.01 25.06
CA SER A 19 5.80 -17.05 25.09
C SER A 19 4.40 -16.45 25.07
N THR A 20 3.40 -17.32 24.94
CA THR A 20 2.03 -16.84 24.95
C THR A 20 1.64 -16.29 26.32
N GLU A 21 2.02 -17.00 27.39
CA GLU A 21 1.82 -16.48 28.74
C GLU A 21 2.57 -15.17 28.94
N ASN A 22 3.80 -15.09 28.39
CA ASN A 22 4.53 -13.84 28.39
C ASN A 22 3.76 -12.76 27.66
N LEU A 23 3.21 -13.09 26.47
CA LEU A 23 2.39 -12.14 25.73
C LEU A 23 1.25 -11.62 26.59
N ARG A 24 0.61 -12.50 27.37
CA ARG A 24 -0.56 -12.10 28.14
C ARG A 24 -0.18 -11.21 29.30
N THR A 25 0.94 -11.48 29.98
CA THR A 25 1.33 -10.59 31.06
C THR A 25 2.04 -9.33 30.58
N ILE A 26 2.46 -9.29 29.32
CA ILE A 26 3.12 -8.10 28.77
C ILE A 26 2.10 -7.12 28.21
N LEU A 27 1.13 -7.62 27.46
CA LEU A 27 0.16 -6.77 26.78
C LEU A 27 -1.05 -6.52 27.66
N THR A 28 -1.62 -5.33 27.51
CA THR A 28 -3.01 -5.06 27.85
C THR A 28 -3.69 -4.51 26.60
N HIS A 29 -5.02 -4.64 26.56
CA HIS A 29 -5.74 -4.21 25.36
C HIS A 29 -5.68 -2.70 25.19
N GLN A 30 -5.77 -1.95 26.29
CA GLN A 30 -5.75 -0.48 26.19
C GLN A 30 -4.42 0.03 25.67
N THR A 31 -3.31 -0.50 26.17
CA THR A 31 -1.99 -0.04 25.75
C THR A 31 -1.73 -0.36 24.29
N LEU A 32 -2.11 -1.56 23.84
CA LEU A 32 -1.94 -1.90 22.44
C LEU A 32 -2.86 -1.06 21.55
N ILE A 33 -4.08 -0.79 22.02
CA ILE A 33 -4.98 0.09 21.29
C ILE A 33 -4.32 1.45 21.07
N ASN A 34 -3.74 2.01 22.13
CA ASN A 34 -3.12 3.33 22.01
C ASN A 34 -1.87 3.29 21.13
N HIS A 35 -1.09 2.21 21.22
CA HIS A 35 0.10 2.09 20.38
C HIS A 35 -0.28 2.04 18.90
N ILE A 36 -1.30 1.24 18.57
CA ILE A 36 -1.79 1.21 17.19
C ILE A 36 -2.27 2.59 16.77
N GLN A 37 -3.07 3.23 17.63
CA GLN A 37 -3.64 4.53 17.29
C GLN A 37 -2.55 5.55 16.97
N SER A 38 -1.47 5.56 17.75
CA SER A 38 -0.46 6.60 17.57
C SER A 38 0.65 6.21 16.59
N ASN A 39 0.73 4.94 16.16
CA ASN A 39 1.79 4.58 15.22
C ASN A 39 1.30 3.97 13.91
N LEU A 40 -0.01 3.89 13.67
CA LEU A 40 -0.49 3.36 12.39
C LEU A 40 -0.10 4.22 11.20
N PRO A 41 -0.23 5.52 11.28
CA PRO A 41 0.10 6.39 10.15
C PRO A 41 1.55 6.29 9.70
N LYS A 42 2.45 6.23 10.67
CA LYS A 42 3.86 6.09 10.45
C LYS A 42 4.11 4.78 9.75
N ALA A 43 3.85 3.69 10.46
CA ALA A 43 4.02 2.34 9.93
C ALA A 43 3.40 2.08 8.58
N SER A 44 2.22 2.60 8.30
CA SER A 44 1.62 2.38 6.99
C SER A 44 2.36 3.08 5.87
N THR A 45 2.98 4.20 6.19
CA THR A 45 3.72 4.97 5.24
C THR A 45 5.06 4.31 4.93
N PHE A 46 5.71 3.78 5.94
CA PHE A 46 7.00 3.16 5.78
C PHE A 46 7.10 1.66 5.50
N LEU A 47 6.14 0.86 5.95
CA LEU A 47 6.27 -0.58 5.80
C LEU A 47 6.12 -1.00 4.34
N GLN A 48 7.00 -1.90 3.90
CA GLN A 48 6.90 -2.52 2.59
C GLN A 48 6.40 -3.95 2.76
N THR A 49 5.31 -4.29 2.06
CA THR A 49 4.74 -5.64 2.12
C THR A 49 4.60 -6.23 0.73
N PRO A 50 5.47 -7.16 0.33
CA PRO A 50 5.24 -7.88 -0.92
C PRO A 50 4.14 -8.92 -0.74
N ILE A 51 3.77 -9.54 -1.87
CA ILE A 51 2.78 -10.60 -1.83
C ILE A 51 3.25 -11.73 -0.94
N ARG A 52 2.31 -12.32 -0.20
CA ARG A 52 2.60 -13.49 0.62
C ARG A 52 3.11 -14.63 -0.25
N GLN A 53 3.77 -15.58 0.39
CA GLN A 53 4.14 -16.84 -0.23
C GLN A 53 3.29 -17.95 0.36
N HIS A 54 2.70 -18.77 -0.51
CA HIS A 54 1.84 -19.87 -0.11
C HIS A 54 2.43 -21.18 -0.60
N TYR A 55 2.36 -22.22 0.23
CA TYR A 55 2.85 -23.54 -0.11
C TYR A 55 1.82 -24.58 0.27
N ASN A 56 1.40 -25.40 -0.69
CA ASN A 56 0.60 -26.58 -0.40
C ASN A 56 1.55 -27.67 0.11
N LEU A 57 1.56 -27.88 1.42
CA LEU A 57 2.41 -28.92 2.00
C LEU A 57 1.82 -30.30 1.81
N SER A 58 0.50 -30.42 1.84
CA SER A 58 -0.14 -31.72 1.77
C SER A 58 -1.57 -31.52 1.32
N PRO A 59 -2.26 -32.58 0.85
CA PRO A 59 -3.66 -32.45 0.45
C PRO A 59 -4.54 -31.77 1.50
N SER A 60 -4.05 -31.66 2.73
CA SER A 60 -4.83 -31.07 3.81
C SER A 60 -4.04 -30.05 4.63
N SER A 61 -2.89 -29.56 4.14
CA SER A 61 -2.15 -28.61 4.97
C SER A 61 -1.34 -27.66 4.11
N SER A 62 -1.19 -26.43 4.60
CA SER A 62 -0.47 -25.41 3.85
C SER A 62 0.34 -24.52 4.79
N LEU A 63 1.35 -23.86 4.21
CA LEU A 63 2.24 -22.94 4.91
C LEU A 63 2.23 -21.59 4.20
N LEU A 64 2.09 -20.53 4.97
CA LEU A 64 2.12 -19.15 4.50
C LEU A 64 3.29 -18.42 5.15
N LEU A 65 4.02 -17.65 4.34
CA LEU A 65 5.06 -16.75 4.83
C LEU A 65 4.73 -15.34 4.38
N MET A 66 4.66 -14.41 5.33
CA MET A 66 4.35 -13.01 5.05
C MET A 66 5.45 -12.14 5.61
N PRO A 67 6.39 -11.70 4.78
CA PRO A 67 7.41 -10.75 5.22
C PRO A 67 7.02 -9.31 4.91
N SER A 68 7.59 -8.41 5.70
CA SER A 68 7.42 -6.97 5.53
C SER A 68 8.63 -6.28 6.12
N TRP A 69 8.95 -5.12 5.62
CA TRP A 69 10.10 -4.43 6.13
C TRP A 69 9.97 -2.97 5.91
N SER A 70 10.69 -2.25 6.74
CA SER A 70 10.77 -0.81 6.65
C SER A 70 12.24 -0.51 6.85
N SER A 71 12.84 0.13 5.87
CA SER A 71 14.26 0.49 5.98
C SER A 71 14.40 1.98 6.26
N THR A 72 13.38 2.52 6.91
CA THR A 72 13.29 3.88 7.32
C THR A 72 13.57 3.78 8.78
N PRO A 73 14.66 4.39 9.26
CA PRO A 73 15.10 4.31 10.64
C PRO A 73 14.14 4.76 11.75
N SER A 74 13.13 5.54 11.44
CA SER A 74 12.17 5.92 12.44
C SER A 74 11.25 4.75 12.78
N PHE A 75 11.30 3.67 11.98
CA PHE A 75 10.50 2.46 12.19
C PHE A 75 11.32 1.27 11.71
N PRO A 76 12.39 0.93 12.42
CA PRO A 76 13.45 0.07 11.86
C PRO A 76 13.24 -1.43 12.13
N TYR A 77 12.24 -2.01 11.47
CA TYR A 77 11.88 -3.39 11.74
C TYR A 77 11.67 -4.17 10.45
N ILE A 78 12.01 -5.45 10.51
CA ILE A 78 11.63 -6.44 9.51
C ILE A 78 10.81 -7.49 10.24
N GLY A 79 9.77 -7.99 9.58
CA GLY A 79 8.93 -8.98 10.22
C GLY A 79 8.54 -10.08 9.26
N VAL A 80 8.52 -11.32 9.75
CA VAL A 80 8.03 -12.44 8.97
C VAL A 80 7.04 -13.21 9.83
N LYS A 81 5.80 -13.30 9.36
CA LYS A 81 4.80 -14.17 9.96
C LYS A 81 4.80 -15.50 9.23
N LEU A 82 5.03 -16.59 9.95
CA LEU A 82 4.95 -17.93 9.42
C LEU A 82 3.71 -18.59 10.01
N VAL A 83 2.80 -19.03 9.14
CA VAL A 83 1.51 -19.58 9.57
C VAL A 83 1.27 -20.91 8.89
N THR A 84 0.92 -21.92 9.68
CA THR A 84 0.46 -23.21 9.16
C THR A 84 -1.04 -23.34 9.32
N HIS A 85 -1.67 -23.92 8.30
CA HIS A 85 -3.11 -24.20 8.31
C HIS A 85 -3.29 -25.70 8.15
N PHE A 86 -3.88 -26.31 9.19
CA PHE A 86 -4.15 -27.75 9.27
C PHE A 86 -5.61 -27.93 9.69
N PRO A 87 -6.57 -27.65 8.80
CA PRO A 87 -7.98 -27.62 9.23
C PRO A 87 -8.46 -28.89 9.92
N GLU A 88 -8.11 -30.06 9.39
CA GLU A 88 -8.54 -31.32 9.96
C GLU A 88 -8.03 -31.51 11.39
N ASN A 89 -7.17 -30.62 11.88
CA ASN A 89 -6.81 -30.61 13.29
C ASN A 89 -8.03 -30.55 14.20
N SER A 90 -9.12 -29.93 13.73
CA SER A 90 -10.30 -29.85 14.57
C SER A 90 -10.87 -31.24 14.89
N SER A 91 -10.59 -32.23 14.04
CA SER A 91 -11.01 -33.60 14.34
C SER A 91 -10.23 -34.19 15.50
N GLN A 92 -9.02 -33.70 15.76
CA GLN A 92 -8.19 -34.15 16.86
C GLN A 92 -8.22 -33.19 18.04
N ASN A 93 -9.16 -32.23 18.04
CA ASN A 93 -9.28 -31.23 19.09
C ASN A 93 -7.99 -30.43 19.26
N LEU A 94 -7.38 -30.09 18.13
CA LEU A 94 -6.17 -29.28 18.06
C LEU A 94 -6.45 -28.02 17.25
N PRO A 95 -5.66 -26.96 17.45
CA PRO A 95 -5.88 -25.74 16.66
C PRO A 95 -5.42 -25.92 15.22
N GLY A 96 -6.14 -25.29 14.31
CA GLY A 96 -5.86 -25.40 12.89
C GLY A 96 -4.94 -24.32 12.34
N VAL A 97 -4.93 -23.16 12.98
CA VAL A 97 -4.11 -22.03 12.56
C VAL A 97 -3.03 -21.84 13.62
N GLN A 98 -1.78 -22.12 13.25
CA GLN A 98 -0.67 -21.99 14.18
C GLN A 98 0.47 -21.24 13.50
N GLY A 99 1.49 -20.89 14.28
CA GLY A 99 2.70 -20.35 13.69
C GLY A 99 3.42 -19.39 14.63
N SER A 100 4.29 -18.59 14.04
CA SER A 100 5.21 -17.73 14.76
C SER A 100 5.40 -16.42 14.02
N TYR A 101 5.62 -15.35 14.78
CA TYR A 101 6.03 -14.07 14.22
C TYR A 101 7.47 -13.80 14.64
N VAL A 102 8.35 -13.57 13.66
CA VAL A 102 9.76 -13.30 13.90
C VAL A 102 10.04 -11.86 13.53
N LEU A 103 10.63 -11.13 14.47
CA LEU A 103 10.96 -9.72 14.32
C LEU A 103 12.47 -9.55 14.23
N PHE A 104 12.92 -8.62 13.38
CA PHE A 104 14.34 -8.34 13.18
C PHE A 104 14.58 -6.84 13.24
N ASN A 105 15.82 -6.48 13.56
CA ASN A 105 16.28 -5.11 13.58
C ASN A 105 16.59 -4.79 12.16
N SER A 106 15.98 -3.79 11.58
CA SER A 106 16.24 -3.53 10.18
C SER A 106 17.40 -2.63 9.86
N THR A 107 18.14 -2.23 10.87
CA THR A 107 19.25 -1.35 10.58
C THR A 107 20.52 -2.15 10.54
N THR A 108 20.58 -3.17 11.37
CA THR A 108 21.72 -4.05 11.44
C THR A 108 21.40 -5.43 10.88
N GLY A 109 20.16 -5.86 11.02
CA GLY A 109 19.73 -7.15 10.52
C GLY A 109 19.67 -8.27 11.53
N GLN A 110 19.79 -7.97 12.81
CA GLN A 110 19.75 -9.00 13.82
C GLN A 110 18.34 -9.48 14.19
N THR A 111 18.16 -10.76 14.52
CA THR A 111 16.87 -11.26 15.00
C THR A 111 16.64 -10.78 16.42
N LEU A 112 15.49 -10.15 16.66
CA LEU A 112 15.19 -9.55 17.96
C LEU A 112 14.23 -10.38 18.80
N ALA A 113 13.15 -10.92 18.23
CA ALA A 113 12.21 -11.65 19.06
C ALA A 113 11.35 -12.56 18.20
N SER A 114 10.79 -13.59 18.86
CA SER A 114 9.82 -14.48 18.25
C SER A 114 8.66 -14.66 19.21
N MET A 115 7.47 -14.88 18.65
CA MET A 115 6.26 -14.98 19.46
C MET A 115 5.18 -15.72 18.70
N ASP A 116 4.23 -16.27 19.44
CA ASP A 116 3.16 -17.08 18.85
C ASP A 116 2.25 -16.20 18.00
N SER A 117 2.09 -16.58 16.73
CA SER A 117 1.32 -15.76 15.80
C SER A 117 -0.17 -15.76 16.14
N THR A 118 -0.69 -16.88 16.65
CA THR A 118 -2.12 -16.97 16.91
C THR A 118 -2.53 -16.11 18.10
N GLU A 119 -1.75 -16.12 19.18
CA GLU A 119 -2.01 -15.26 20.33
C GLU A 119 -1.86 -13.78 19.96
N LEU A 120 -0.75 -13.45 19.29
CA LEU A 120 -0.55 -12.10 18.78
C LEU A 120 -1.72 -11.66 17.91
N THR A 121 -2.29 -12.59 17.13
CA THR A 121 -3.40 -12.24 16.25
C THR A 121 -4.67 -11.99 17.05
N LEU A 122 -4.92 -12.78 18.09
CA LEU A 122 -6.04 -12.47 18.98
C LEU A 122 -5.93 -11.03 19.49
N TYR A 123 -4.76 -10.67 20.02
CA TYR A 123 -4.59 -9.33 20.57
C TYR A 123 -4.75 -8.25 19.50
N ARG A 124 -4.11 -8.45 18.34
CA ARG A 124 -4.14 -7.44 17.28
C ARG A 124 -5.55 -7.26 16.74
N THR A 125 -6.25 -8.36 16.46
CA THR A 125 -7.60 -8.28 15.93
C THR A 125 -8.54 -7.57 16.91
N SER A 126 -8.53 -8.00 18.17
CA SER A 126 -9.43 -7.39 19.15
C SER A 126 -9.16 -5.89 19.30
N CYS A 127 -7.88 -5.51 19.32
CA CYS A 127 -7.56 -4.10 19.56
C CYS A 127 -7.80 -3.24 18.33
N VAL A 128 -7.69 -3.81 17.12
CA VAL A 128 -8.11 -3.07 15.94
C VAL A 128 -9.61 -2.77 16.02
N SER A 129 -10.41 -3.76 16.45
CA SER A 129 -11.84 -3.51 16.58
C SER A 129 -12.14 -2.45 17.64
N GLY A 130 -11.46 -2.53 18.79
CA GLY A 130 -11.68 -1.54 19.84
C GLY A 130 -11.32 -0.13 19.41
N LEU A 131 -10.15 0.01 18.77
CA LEU A 131 -9.75 1.31 18.24
C LEU A 131 -10.77 1.82 17.24
N ALA A 132 -11.35 0.93 16.47
CA ALA A 132 -12.32 1.35 15.52
C ALA A 132 -13.56 1.86 16.25
N SER A 133 -13.79 1.34 17.44
CA SER A 133 -14.96 1.73 18.19
C SER A 133 -14.85 3.12 18.74
N LYS A 134 -13.63 3.55 19.02
CA LYS A 134 -13.40 4.86 19.51
C LYS A 134 -13.74 5.86 18.45
N TYR A 135 -13.80 5.43 17.20
CA TYR A 135 -14.18 6.40 16.20
C TYR A 135 -15.60 6.21 15.68
N LEU A 136 -16.19 5.02 15.87
CA LEU A 136 -17.45 4.69 15.24
C LEU A 136 -18.59 4.43 16.21
N ALA A 137 -18.31 3.94 17.41
CA ALA A 137 -19.37 3.69 18.37
C ALA A 137 -19.72 4.96 19.13
N ARG A 138 -21.01 5.14 19.42
CA ARG A 138 -21.44 6.28 20.20
C ARG A 138 -20.78 6.27 21.57
N ASP A 139 -20.45 7.46 22.08
CA ASP A 139 -19.75 7.54 23.34
C ASP A 139 -20.66 7.26 24.54
N ASP A 140 -21.97 7.25 24.35
CA ASP A 140 -22.91 6.83 25.38
C ASP A 140 -23.33 5.38 25.22
N SER A 141 -22.50 4.57 24.58
CA SER A 141 -22.78 3.15 24.41
C SER A 141 -22.86 2.47 25.77
N GLU A 142 -23.91 1.70 25.99
CA GLU A 142 -24.10 1.02 27.26
C GLU A 142 -24.18 -0.50 27.15
N ILE A 143 -24.61 -1.04 26.01
CA ILE A 143 -24.82 -2.48 25.86
C ILE A 143 -23.95 -3.00 24.72
N LEU A 144 -23.18 -4.05 25.03
CA LEU A 144 -22.41 -4.80 24.06
C LEU A 144 -23.03 -6.17 23.88
N VAL A 145 -23.31 -6.54 22.64
CA VAL A 145 -23.71 -7.89 22.28
C VAL A 145 -22.52 -8.56 21.62
N MET A 146 -22.03 -9.65 22.23
CA MET A 146 -20.97 -10.46 21.64
C MET A 146 -21.61 -11.65 20.95
N VAL A 147 -21.43 -11.74 19.64
CA VAL A 147 -21.92 -12.86 18.84
C VAL A 147 -20.78 -13.84 18.68
N GLY A 148 -20.89 -14.97 19.35
CA GLY A 148 -19.81 -15.94 19.40
C GLY A 148 -19.16 -15.89 20.78
N ALA A 149 -18.87 -17.07 21.33
CA ALA A 149 -18.24 -17.19 22.64
C ALA A 149 -16.89 -17.90 22.52
N GLY A 150 -16.20 -17.70 21.41
CA GLY A 150 -14.92 -18.33 21.17
C GLY A 150 -13.78 -17.53 21.76
N ALA A 151 -12.56 -17.90 21.33
CA ALA A 151 -11.35 -17.32 21.91
C ALA A 151 -11.31 -15.81 21.76
N LEU A 152 -11.88 -15.28 20.66
CA LEU A 152 -11.81 -13.85 20.43
C LEU A 152 -12.75 -13.06 21.35
N ALA A 153 -13.80 -13.71 21.87
CA ALA A 153 -14.85 -12.98 22.58
C ALA A 153 -14.36 -12.22 23.82
N PRO A 154 -13.59 -12.82 24.74
CA PRO A 154 -13.13 -12.02 25.89
C PRO A 154 -12.22 -10.88 25.48
N HIS A 155 -11.34 -11.12 24.49
CA HIS A 155 -10.50 -10.06 23.96
C HIS A 155 -11.32 -8.90 23.43
N LEU A 156 -12.37 -9.22 22.64
CA LEU A 156 -13.18 -8.19 22.04
C LEU A 156 -13.97 -7.42 23.09
N ILE A 157 -14.45 -8.12 24.12
CA ILE A 157 -15.14 -7.46 25.22
C ILE A 157 -14.21 -6.46 25.90
N LYS A 158 -12.99 -6.90 26.22
CA LYS A 158 -12.05 -5.99 26.89
C LYS A 158 -11.66 -4.82 26.00
N ALA A 159 -11.51 -5.06 24.68
CA ALA A 159 -11.12 -3.98 23.78
C ALA A 159 -12.24 -2.95 23.63
N HIS A 160 -13.48 -3.41 23.44
CA HIS A 160 -14.59 -2.48 23.35
C HIS A 160 -14.84 -1.75 24.67
N PHE A 161 -14.62 -2.41 25.81
CA PHE A 161 -14.81 -1.74 27.08
C PHE A 161 -13.75 -0.67 27.32
N SER A 162 -12.49 -0.94 26.94
CA SER A 162 -11.46 0.09 27.02
C SER A 162 -11.79 1.23 26.07
N ALA A 163 -12.34 0.91 24.90
CA ALA A 163 -12.80 1.93 23.98
C ALA A 163 -13.95 2.74 24.57
N ARG A 164 -14.92 2.05 25.18
CA ARG A 164 -16.14 2.69 25.68
C ARG A 164 -16.38 2.26 27.12
N PRO A 165 -15.76 2.95 28.09
CA PRO A 165 -15.99 2.60 29.51
C PRO A 165 -17.39 2.90 30.00
N SER A 166 -18.23 3.55 29.20
CA SER A 166 -19.63 3.72 29.56
C SER A 166 -20.43 2.44 29.44
N LEU A 167 -19.87 1.41 28.79
CA LEU A 167 -20.55 0.12 28.69
C LEU A 167 -20.82 -0.43 30.07
N LYS A 168 -21.99 -1.07 30.23
CA LYS A 168 -22.37 -1.62 31.51
C LYS A 168 -22.93 -3.03 31.45
N LYS A 169 -23.45 -3.49 30.30
CA LYS A 169 -23.96 -4.85 30.18
C LYS A 169 -23.42 -5.50 28.93
N VAL A 170 -23.02 -6.77 29.07
CA VAL A 170 -22.60 -7.60 27.94
C VAL A 170 -23.57 -8.77 27.82
N PHE A 171 -24.10 -8.97 26.63
CA PHE A 171 -24.87 -10.17 26.29
C PHE A 171 -24.04 -11.00 25.33
N ILE A 172 -23.76 -12.25 25.71
CA ILE A 172 -22.93 -13.14 24.92
C ILE A 172 -23.82 -14.20 24.31
N TRP A 173 -23.84 -14.25 22.98
CA TRP A 173 -24.60 -15.26 22.25
C TRP A 173 -23.66 -16.36 21.77
N ASN A 174 -24.18 -17.59 21.76
CA ASN A 174 -23.52 -18.73 21.12
C ASN A 174 -24.62 -19.72 20.78
N ARG A 175 -24.42 -20.47 19.68
CA ARG A 175 -25.42 -21.45 19.29
C ARG A 175 -25.65 -22.47 20.40
N THR A 176 -24.57 -23.04 20.94
CA THR A 176 -24.67 -23.82 22.18
C THR A 176 -24.61 -22.83 23.32
N VAL A 177 -25.77 -22.50 23.89
CA VAL A 177 -25.89 -21.42 24.86
C VAL A 177 -25.02 -21.67 26.09
N GLU A 178 -24.76 -22.94 26.41
CA GLU A 178 -23.98 -23.24 27.61
C GLU A 178 -22.57 -22.68 27.51
N LYS A 179 -21.98 -22.64 26.32
CA LYS A 179 -20.69 -21.98 26.16
C LYS A 179 -20.79 -20.50 26.52
N ALA A 180 -21.88 -19.85 26.09
CA ALA A 180 -22.08 -18.44 26.40
C ALA A 180 -22.26 -18.22 27.90
N ILE A 181 -23.08 -19.06 28.54
CA ILE A 181 -23.31 -18.92 29.98
C ILE A 181 -22.03 -19.17 30.75
N ASN A 182 -21.25 -20.19 30.34
CA ASN A 182 -19.99 -20.48 31.01
C ASN A 182 -19.02 -19.31 30.88
N LEU A 183 -18.90 -18.75 29.67
CA LEU A 183 -18.00 -17.62 29.49
C LEU A 183 -18.46 -16.41 30.30
N ALA A 184 -19.77 -16.16 30.34
CA ALA A 184 -20.27 -15.03 31.12
C ALA A 184 -20.02 -15.23 32.60
N LYS A 185 -20.17 -16.47 33.09
CA LYS A 185 -19.87 -16.78 34.47
C LYS A 185 -18.39 -16.56 34.78
N LYS A 186 -17.52 -17.02 33.90
CA LYS A 186 -16.09 -16.87 34.12
C LYS A 186 -15.66 -15.40 34.09
N LEU A 187 -16.25 -14.63 33.17
CA LEU A 187 -15.92 -13.21 33.09
C LEU A 187 -16.48 -12.44 34.28
N SER A 188 -17.60 -12.91 34.85
CA SER A 188 -18.17 -12.23 36.01
C SER A 188 -17.36 -12.50 37.27
N GLU A 189 -16.81 -13.70 37.41
CA GLU A 189 -15.95 -14.05 38.53
C GLU A 189 -14.49 -13.77 38.26
N SER A 190 -14.16 -13.09 37.16
CA SER A 190 -12.80 -13.05 36.67
C SER A 190 -11.86 -12.34 37.65
N ASP A 191 -12.29 -11.19 38.17
CA ASP A 191 -11.55 -10.25 39.03
C ASP A 191 -10.64 -9.33 38.22
N GLU A 192 -10.60 -9.46 36.89
CA GLU A 192 -9.77 -8.55 36.10
C GLU A 192 -10.29 -7.13 36.20
N PHE A 193 -9.37 -6.17 36.26
CA PHE A 193 -9.73 -4.77 36.48
C PHE A 193 -10.45 -4.12 35.29
N PRO A 194 -10.24 -4.53 34.01
CA PRO A 194 -11.07 -3.96 32.96
C PRO A 194 -12.34 -4.74 32.76
N LEU A 195 -12.86 -5.35 33.85
CA LEU A 195 -14.03 -6.20 33.75
C LEU A 195 -14.93 -6.16 34.98
N SER A 196 -14.69 -5.27 35.95
CA SER A 196 -15.49 -5.33 37.19
C SER A 196 -16.76 -4.49 37.11
N GLY A 197 -16.71 -3.35 36.44
CA GLY A 197 -17.88 -2.51 36.31
C GLY A 197 -18.80 -2.97 35.18
N LEU A 198 -18.93 -4.29 35.05
CA LEU A 198 -19.67 -4.88 33.94
C LEU A 198 -20.48 -6.08 34.43
N SER A 199 -21.65 -6.28 33.83
CA SER A 199 -22.42 -7.50 34.00
C SER A 199 -22.42 -8.29 32.71
N PHE A 200 -22.41 -9.61 32.82
CA PHE A 200 -22.32 -10.51 31.68
C PHE A 200 -23.45 -11.53 31.75
N GLU A 201 -24.04 -11.85 30.61
CA GLU A 201 -25.16 -12.77 30.57
C GLU A 201 -25.12 -13.55 29.25
N GLY A 202 -25.30 -14.86 29.34
CA GLY A 202 -25.36 -15.70 28.17
C GLY A 202 -26.78 -15.83 27.63
N CYS A 203 -26.89 -15.96 26.31
CA CYS A 203 -28.19 -16.09 25.68
C CYS A 203 -28.07 -17.04 24.49
N GLY A 204 -29.20 -17.62 24.11
CA GLY A 204 -29.22 -18.61 23.04
C GLY A 204 -30.02 -18.20 21.81
N ASN A 205 -30.74 -17.08 21.90
CA ASN A 205 -31.55 -16.58 20.79
C ASN A 205 -30.96 -15.26 20.31
N LEU A 206 -30.33 -15.29 19.14
CA LEU A 206 -29.61 -14.12 18.64
C LEU A 206 -30.55 -12.99 18.27
N ASP A 207 -31.68 -13.31 17.64
CA ASP A 207 -32.59 -12.29 17.16
C ASP A 207 -33.20 -11.48 18.30
N GLU A 208 -33.37 -12.11 19.48
CA GLU A 208 -33.91 -11.39 20.62
C GLU A 208 -32.98 -10.31 21.13
N VAL A 209 -31.67 -10.52 21.02
CA VAL A 209 -30.71 -9.65 21.70
C VAL A 209 -29.93 -8.73 20.78
N VAL A 210 -29.91 -8.98 19.46
CA VAL A 210 -29.16 -8.08 18.57
C VAL A 210 -29.60 -6.63 18.76
N GLY A 211 -30.91 -6.40 18.88
CA GLY A 211 -31.43 -5.06 19.04
C GLY A 211 -31.03 -4.38 20.34
N PHE A 212 -30.51 -5.14 21.31
CA PHE A 212 -30.08 -4.54 22.56
C PHE A 212 -28.77 -3.79 22.41
N GLY A 213 -27.94 -4.18 21.45
CA GLY A 213 -26.57 -3.72 21.40
C GLY A 213 -26.35 -2.34 20.86
N ASP A 214 -25.77 -1.46 21.69
CA ASP A 214 -25.14 -0.26 21.16
C ASP A 214 -23.88 -0.62 20.39
N ILE A 215 -23.18 -1.66 20.83
CA ILE A 215 -22.13 -2.28 20.03
C ILE A 215 -22.48 -3.74 19.86
N VAL A 216 -22.41 -4.23 18.61
CA VAL A 216 -22.59 -5.64 18.29
C VAL A 216 -21.30 -6.13 17.66
N SER A 217 -20.58 -7.01 18.34
CA SER A 217 -19.29 -7.51 17.87
C SER A 217 -19.41 -8.99 17.51
N CYS A 218 -19.03 -9.33 16.27
CA CYS A 218 -19.23 -10.65 15.70
C CYS A 218 -17.89 -11.28 15.37
N ALA A 219 -17.56 -12.37 16.07
CA ALA A 219 -16.43 -13.25 15.76
C ALA A 219 -17.00 -14.65 15.56
N THR A 220 -17.50 -14.92 14.34
CA THR A 220 -18.31 -16.09 14.09
C THR A 220 -17.92 -16.74 12.77
N ASN A 221 -18.46 -17.94 12.54
CA ASN A 221 -18.28 -18.67 11.29
C ASN A 221 -19.34 -19.76 11.14
N SER A 222 -20.62 -19.37 11.14
CA SER A 222 -21.69 -20.33 10.91
C SER A 222 -22.93 -19.58 10.43
N GLU A 223 -23.86 -20.33 9.84
CA GLU A 223 -25.10 -19.73 9.35
C GLU A 223 -26.01 -19.29 10.50
N ALA A 224 -25.94 -19.98 11.63
CA ALA A 224 -26.79 -19.63 12.76
C ALA A 224 -26.40 -18.31 13.41
N ALA A 225 -25.21 -17.80 13.12
CA ALA A 225 -24.71 -16.59 13.75
C ALA A 225 -24.96 -15.34 12.90
N LEU A 226 -25.73 -15.47 11.82
CA LEU A 226 -25.96 -14.35 10.91
C LEU A 226 -26.64 -13.20 11.64
N VAL A 227 -26.01 -12.02 11.60
CA VAL A 227 -26.59 -10.80 12.16
C VAL A 227 -27.44 -10.16 11.07
N LYS A 228 -28.75 -10.20 11.26
CA LYS A 228 -29.68 -9.65 10.29
C LYS A 228 -29.82 -8.16 10.51
N GLY A 229 -29.63 -7.38 9.44
CA GLY A 229 -29.56 -5.94 9.58
C GLY A 229 -30.85 -5.29 10.07
N GLU A 230 -31.99 -5.93 9.79
CA GLU A 230 -33.28 -5.36 10.20
C GLU A 230 -33.37 -5.21 11.72
N ARG A 231 -32.67 -6.06 12.47
CA ARG A 231 -32.76 -6.08 13.91
C ARG A 231 -31.71 -5.20 14.59
N LEU A 232 -30.88 -4.50 13.81
CA LEU A 232 -29.93 -3.57 14.38
C LEU A 232 -30.67 -2.38 14.99
N LYS A 233 -30.23 -1.97 16.19
CA LYS A 233 -30.79 -0.82 16.88
C LYS A 233 -30.29 0.47 16.24
N VAL A 234 -31.12 1.52 16.27
CA VAL A 234 -30.68 2.80 15.73
C VAL A 234 -29.49 3.30 16.55
N GLY A 235 -28.47 3.78 15.85
CA GLY A 235 -27.24 4.18 16.50
C GLY A 235 -26.29 3.04 16.81
N ALA A 236 -26.58 1.83 16.34
CA ALA A 236 -25.71 0.69 16.63
C ALA A 236 -24.39 0.81 15.88
N HIS A 237 -23.34 0.26 16.48
CA HIS A 237 -22.07 0.04 15.81
C HIS A 237 -21.85 -1.46 15.69
N LEU A 238 -21.70 -1.93 14.45
CA LEU A 238 -21.59 -3.34 14.13
C LEU A 238 -20.16 -3.66 13.73
N ASP A 239 -19.52 -4.54 14.49
CA ASP A 239 -18.10 -4.86 14.38
C ASP A 239 -18.00 -6.27 13.80
N LEU A 240 -17.68 -6.36 12.50
CA LEU A 240 -17.55 -7.64 11.80
C LEU A 240 -16.08 -8.04 11.79
N VAL A 241 -15.73 -8.99 12.65
CA VAL A 241 -14.35 -9.39 12.87
C VAL A 241 -14.03 -10.60 11.99
N GLY A 242 -13.11 -10.41 11.04
CA GLY A 242 -12.69 -11.50 10.20
C GLY A 242 -11.52 -12.27 10.80
N SER A 243 -11.49 -13.57 10.53
CA SER A 243 -10.41 -14.43 10.96
C SER A 243 -9.92 -15.25 9.77
N PHE A 244 -8.64 -15.60 9.81
CA PHE A 244 -8.02 -16.35 8.73
C PHE A 244 -8.71 -17.70 8.56
N LYS A 245 -9.08 -18.01 7.31
CA LYS A 245 -9.73 -19.26 6.93
C LYS A 245 -11.13 -19.40 7.55
N HIS A 246 -11.80 -18.27 7.78
CA HIS A 246 -13.21 -18.24 8.18
C HIS A 246 -13.94 -17.41 7.14
N SER A 247 -14.91 -18.03 6.46
CA SER A 247 -15.48 -17.45 5.24
C SER A 247 -16.99 -17.28 5.24
N MET A 248 -17.71 -17.77 6.24
CA MET A 248 -19.16 -17.60 6.24
C MET A 248 -19.53 -16.16 6.55
N LYS A 249 -20.60 -15.68 5.91
CA LYS A 249 -21.07 -14.32 6.15
C LYS A 249 -21.37 -14.11 7.63
N GLU A 250 -20.96 -12.95 8.14
CA GLU A 250 -21.30 -12.57 9.51
C GLU A 250 -22.53 -11.68 9.59
N CYS A 251 -22.97 -11.13 8.46
CA CYS A 251 -24.18 -10.31 8.43
C CYS A 251 -24.78 -10.40 7.04
N ASP A 252 -26.03 -9.98 6.91
CA ASP A 252 -26.72 -10.01 5.64
C ASP A 252 -26.53 -8.67 4.91
N ASP A 253 -27.12 -8.57 3.71
CA ASP A 253 -26.96 -7.36 2.91
C ASP A 253 -27.60 -6.14 3.57
N GLU A 254 -28.71 -6.35 4.31
CA GLU A 254 -29.43 -5.23 4.88
C GLU A 254 -28.60 -4.47 5.91
N ALA A 255 -27.69 -5.16 6.60
CA ALA A 255 -26.88 -4.49 7.61
C ALA A 255 -25.89 -3.52 6.98
N LEU A 256 -25.33 -3.88 5.83
CA LEU A 256 -24.49 -2.94 5.10
C LEU A 256 -25.32 -1.89 4.34
N LYS A 257 -26.57 -2.22 4.01
CA LYS A 257 -27.43 -1.23 3.35
C LYS A 257 -27.85 -0.14 4.32
N ARG A 258 -28.09 -0.49 5.58
CA ARG A 258 -28.56 0.47 6.57
C ARG A 258 -27.46 1.42 7.04
N GLY A 259 -26.20 0.96 7.05
CA GLY A 259 -25.13 1.70 7.68
C GLY A 259 -24.11 2.24 6.70
N LYS A 260 -23.15 2.99 7.25
CA LYS A 260 -21.93 3.34 6.55
C LYS A 260 -20.85 2.34 6.94
N VAL A 261 -20.14 1.83 5.94
CA VAL A 261 -19.22 0.71 6.11
C VAL A 261 -17.79 1.24 6.07
N PHE A 262 -17.02 0.91 7.09
CA PHE A 262 -15.59 1.16 7.20
C PHE A 262 -14.86 -0.18 7.23
N VAL A 263 -13.58 -0.16 6.89
CA VAL A 263 -12.77 -1.36 6.87
C VAL A 263 -11.46 -1.08 7.59
N ASP A 264 -10.83 -2.14 8.10
CA ASP A 264 -9.54 -1.94 8.75
C ASP A 264 -8.46 -1.59 7.74
N ASN A 265 -8.61 -2.02 6.49
CA ASN A 265 -7.73 -1.59 5.40
C ASN A 265 -8.35 -2.05 4.08
N GLU A 266 -7.70 -1.65 2.98
CA GLU A 266 -8.30 -1.79 1.65
C GLU A 266 -8.52 -3.25 1.27
N ALA A 267 -7.68 -4.16 1.76
CA ALA A 267 -7.80 -5.57 1.38
C ALA A 267 -9.16 -6.15 1.76
N ALA A 268 -9.78 -5.65 2.83
CA ALA A 268 -11.11 -6.12 3.20
C ALA A 268 -12.06 -6.03 2.00
N LEU A 269 -11.96 -4.97 1.21
CA LEU A 269 -12.88 -4.75 0.11
C LEU A 269 -12.83 -5.87 -0.92
N VAL A 270 -11.76 -6.68 -0.93
CA VAL A 270 -11.70 -7.83 -1.83
C VAL A 270 -11.67 -9.15 -1.09
N GLU A 271 -11.54 -9.15 0.24
CA GLU A 271 -11.42 -10.39 0.99
C GLU A 271 -12.66 -10.71 1.81
N ALA A 272 -13.42 -9.70 2.23
CA ALA A 272 -14.62 -9.91 3.04
C ALA A 272 -15.74 -10.43 2.15
N GLY A 273 -16.20 -11.63 2.40
CA GLY A 273 -17.28 -12.19 1.63
C GLY A 273 -18.51 -11.31 1.62
N GLU A 274 -18.79 -10.68 2.74
CA GLU A 274 -19.94 -9.82 2.83
C GLU A 274 -19.83 -8.68 1.85
N LEU A 275 -18.71 -7.98 1.88
CA LEU A 275 -18.49 -6.84 1.02
C LEU A 275 -18.50 -7.24 -0.43
N VAL A 276 -17.78 -8.30 -0.77
CA VAL A 276 -17.75 -8.72 -2.16
C VAL A 276 -19.12 -9.04 -2.73
N GLY A 277 -19.98 -9.68 -1.96
CA GLY A 277 -21.31 -10.00 -2.43
C GLY A 277 -22.13 -8.75 -2.52
N ALA A 278 -21.91 -7.84 -1.59
CA ALA A 278 -22.67 -6.63 -1.61
C ALA A 278 -22.33 -5.87 -2.86
N PHE A 279 -21.06 -5.79 -3.18
CA PHE A 279 -20.61 -5.08 -4.36
C PHE A 279 -21.16 -5.72 -5.60
N GLU A 280 -21.16 -7.04 -5.61
CA GLU A 280 -21.62 -7.84 -6.74
C GLU A 280 -23.13 -7.95 -6.94
N ARG A 281 -23.92 -7.30 -6.10
CA ARG A 281 -25.37 -7.32 -6.22
C ARG A 281 -25.91 -5.90 -6.20
N GLY A 282 -25.05 -4.92 -6.08
CA GLY A 282 -25.46 -3.54 -6.08
C GLY A 282 -25.94 -2.89 -4.81
N VAL A 283 -25.92 -3.60 -3.68
CA VAL A 283 -26.41 -3.00 -2.46
C VAL A 283 -25.50 -1.88 -1.98
N ILE A 284 -24.20 -2.02 -2.11
CA ILE A 284 -23.34 -0.88 -1.78
C ILE A 284 -22.50 -0.54 -2.98
N LYS A 285 -21.67 0.48 -2.84
CA LYS A 285 -20.97 0.92 -4.04
C LYS A 285 -19.48 1.28 -3.98
N GLU A 286 -18.69 0.67 -3.13
CA GLU A 286 -17.23 0.92 -3.11
C GLU A 286 -16.61 2.32 -2.91
N ASP A 287 -17.05 3.36 -3.63
CA ASP A 287 -16.53 4.71 -3.48
C ASP A 287 -17.20 5.39 -2.30
N GLU A 288 -18.36 4.86 -1.93
CA GLU A 288 -19.15 5.36 -0.81
C GLU A 288 -18.79 4.71 0.53
N ILE A 289 -17.73 3.93 0.55
CA ILE A 289 -17.31 3.32 1.76
C ILE A 289 -16.83 4.46 2.63
N GLY A 290 -17.20 4.45 3.89
CA GLY A 290 -16.77 5.49 4.78
C GLY A 290 -15.29 5.72 4.87
N GLY A 291 -14.48 4.68 4.80
CA GLY A 291 -13.05 4.86 4.84
C GLY A 291 -12.39 3.76 5.62
N ASN A 292 -11.09 3.77 5.65
CA ASN A 292 -10.37 2.77 6.42
C ASN A 292 -9.94 3.35 7.77
N LEU A 293 -9.40 2.47 8.61
CA LEU A 293 -9.01 2.89 9.96
C LEU A 293 -7.91 3.94 9.92
N LEU A 294 -6.98 3.81 8.98
CA LEU A 294 -5.92 4.81 8.82
C LEU A 294 -6.51 6.19 8.55
N GLU A 295 -7.50 6.26 7.65
CA GLU A 295 -8.09 7.54 7.31
C GLU A 295 -8.81 8.16 8.50
N LEU A 296 -9.54 7.35 9.27
CA LEU A 296 -10.21 7.90 10.46
C LEU A 296 -9.20 8.35 11.50
N ILE A 297 -8.07 7.64 11.62
CA ILE A 297 -7.08 8.02 12.62
C ILE A 297 -6.42 9.35 12.25
N ARG A 298 -6.03 9.50 10.99
CA ARG A 298 -5.36 10.72 10.55
C ARG A 298 -6.34 11.85 10.25
N GLY A 299 -7.64 11.63 10.41
CA GLY A 299 -8.62 12.68 10.21
C GLY A 299 -9.02 12.94 8.77
N ASP A 300 -8.60 12.11 7.83
CA ASP A 300 -8.93 12.32 6.43
C ASP A 300 -10.38 11.98 6.11
N LYS A 301 -11.01 11.12 6.91
CA LYS A 301 -12.44 10.83 6.78
C LYS A 301 -13.03 10.75 8.18
N VAL A 302 -14.19 11.38 8.37
CA VAL A 302 -14.84 11.34 9.67
C VAL A 302 -15.54 10.00 9.86
N GLY A 303 -15.71 9.62 11.13
CA GLY A 303 -16.42 8.41 11.46
C GLY A 303 -17.87 8.65 11.77
N ARG A 304 -18.28 8.33 13.01
CA ARG A 304 -19.67 8.47 13.41
C ARG A 304 -20.13 9.91 13.23
N SER A 305 -21.16 10.10 12.39
CA SER A 305 -21.69 11.42 12.10
C SER A 305 -22.93 11.78 12.91
N SER A 306 -23.71 10.77 13.34
CA SER A 306 -24.91 11.01 14.11
C SER A 306 -24.94 10.05 15.29
N SER A 307 -25.80 10.36 16.26
CA SER A 307 -26.11 9.40 17.32
C SER A 307 -27.20 8.43 16.88
N GLU A 308 -27.76 8.59 15.69
CA GLU A 308 -28.75 7.69 15.13
C GLU A 308 -28.19 6.84 13.99
N GLU A 309 -26.95 7.11 13.58
CA GLU A 309 -26.35 6.43 12.44
C GLU A 309 -25.96 5.01 12.80
N ILE A 310 -26.10 4.10 11.84
CA ILE A 310 -25.57 2.76 11.94
C ILE A 310 -24.18 2.76 11.33
N THR A 311 -23.19 2.35 12.09
CA THR A 311 -21.83 2.19 11.58
C THR A 311 -21.49 0.72 11.50
N VAL A 312 -20.68 0.34 10.51
CA VAL A 312 -20.21 -1.03 10.35
C VAL A 312 -18.71 -0.97 10.14
N PHE A 313 -17.97 -1.83 10.85
CA PHE A 313 -16.52 -1.91 10.73
C PHE A 313 -16.13 -3.34 10.41
N LYS A 314 -15.64 -3.56 9.22
CA LYS A 314 -15.23 -4.86 8.76
C LYS A 314 -13.75 -4.98 8.75
N SER A 315 -13.26 -6.02 9.38
CA SER A 315 -11.85 -6.20 9.44
C SER A 315 -11.37 -7.54 8.99
N VAL A 316 -10.26 -7.52 8.28
CA VAL A 316 -9.61 -8.72 7.89
C VAL A 316 -8.36 -8.54 8.71
N GLY A 317 -7.20 -8.43 8.14
CA GLY A 317 -6.02 -8.15 8.93
C GLY A 317 -5.04 -7.40 8.06
N SER A 318 -3.89 -7.08 8.61
CA SER A 318 -2.88 -6.40 7.83
C SER A 318 -1.53 -6.65 8.44
N ALA A 319 -0.53 -6.65 7.60
CA ALA A 319 0.83 -6.88 8.02
C ALA A 319 1.28 -5.71 8.85
N VAL A 320 0.75 -4.56 8.54
CA VAL A 320 1.18 -3.36 9.26
C VAL A 320 0.78 -3.43 10.73
N VAL A 321 -0.43 -3.95 11.02
CA VAL A 321 -0.82 -4.06 12.42
C VAL A 321 -0.15 -5.27 13.08
N ASP A 322 0.04 -6.35 12.34
CA ASP A 322 0.89 -7.44 12.83
C ASP A 322 2.22 -6.89 13.33
N MET A 323 2.84 -6.04 12.50
CA MET A 323 4.14 -5.47 12.81
C MET A 323 4.04 -4.52 13.99
N LEU A 324 2.98 -3.71 14.05
CA LEU A 324 2.79 -2.82 15.18
C LEU A 324 2.69 -3.59 16.48
N ALA A 325 1.95 -4.70 16.48
CA ALA A 325 1.78 -5.49 17.69
C ALA A 325 3.09 -6.16 18.09
N ALA A 326 3.78 -6.79 17.14
CA ALA A 326 5.05 -7.44 17.46
C ALA A 326 6.07 -6.44 17.97
N GLN A 327 6.14 -5.26 17.34
CA GLN A 327 7.03 -4.20 17.79
C GLN A 327 6.67 -3.76 19.20
N PHE A 328 5.38 -3.60 19.49
CA PHE A 328 4.97 -3.18 20.82
C PHE A 328 5.40 -4.21 21.86
N VAL A 329 5.18 -5.49 21.58
CA VAL A 329 5.56 -6.54 22.53
C VAL A 329 7.06 -6.51 22.78
N TYR A 330 7.85 -6.44 21.71
CA TYR A 330 9.30 -6.43 21.88
C TYR A 330 9.77 -5.23 22.69
N GLU A 331 9.36 -4.02 22.27
CA GLU A 331 9.84 -2.82 22.93
C GLU A 331 9.38 -2.75 24.38
N THR A 332 8.16 -3.24 24.67
CA THR A 332 7.71 -3.30 26.06
C THR A 332 8.56 -4.26 26.86
N TYR A 333 8.84 -5.45 26.30
CA TYR A 333 9.71 -6.40 26.99
C TYR A 333 11.05 -5.77 27.34
N THR A 334 11.64 -5.04 26.39
CA THR A 334 12.95 -4.45 26.65
C THR A 334 12.88 -3.27 27.62
N ARG A 335 11.70 -2.72 27.87
CA ARG A 335 11.54 -1.52 28.67
C ARG A 335 11.20 -1.80 30.13
N THR A 336 11.34 -3.04 30.58
CA THR A 336 10.94 -3.41 31.94
C THR A 336 12.04 -3.12 32.97
N SER B 13 35.80 4.02 -37.62
CA SER B 13 36.55 5.27 -37.67
C SER B 13 35.65 6.48 -37.47
N SER B 14 34.73 6.69 -38.42
CA SER B 14 33.88 7.87 -38.41
C SER B 14 32.71 7.70 -37.43
N PRO B 15 32.17 8.80 -36.93
CA PRO B 15 30.90 8.72 -36.21
C PRO B 15 29.75 8.50 -37.17
N ILE B 16 28.64 7.98 -36.64
CA ILE B 16 27.50 7.56 -37.44
C ILE B 16 26.33 8.49 -37.15
N PHE B 17 25.74 9.03 -38.21
CA PHE B 17 24.55 9.86 -38.07
C PHE B 17 23.32 8.96 -38.10
N ILE B 18 22.56 8.98 -37.00
CA ILE B 18 21.31 8.25 -36.88
C ILE B 18 20.20 9.27 -37.07
N SER B 19 19.58 9.26 -38.24
CA SER B 19 18.43 10.13 -38.46
C SER B 19 17.24 9.61 -37.66
N THR B 20 16.13 10.35 -37.73
CA THR B 20 14.94 9.98 -36.98
C THR B 20 14.36 8.66 -37.45
N GLU B 21 14.31 8.44 -38.77
CA GLU B 21 13.78 7.19 -39.30
C GLU B 21 14.65 6.01 -38.93
N ASN B 22 15.97 6.22 -38.82
CA ASN B 22 16.85 5.15 -38.33
C ASN B 22 16.48 4.77 -36.90
N LEU B 23 16.25 5.77 -36.05
CA LEU B 23 15.81 5.52 -34.67
C LEU B 23 14.52 4.71 -34.66
N ARG B 24 13.55 5.10 -35.49
CA ARG B 24 12.28 4.37 -35.52
C ARG B 24 12.46 2.95 -36.05
N THR B 25 13.41 2.74 -36.97
CA THR B 25 13.61 1.41 -37.53
C THR B 25 14.22 0.46 -36.50
N ILE B 26 15.30 0.89 -35.83
CA ILE B 26 16.05 -0.06 -35.02
C ILE B 26 15.39 -0.28 -33.66
N LEU B 27 14.76 0.75 -33.11
CA LEU B 27 14.20 0.66 -31.75
C LEU B 27 12.82 0.02 -31.75
N THR B 28 12.55 -0.78 -30.72
CA THR B 28 11.20 -1.16 -30.34
C THR B 28 11.02 -0.87 -28.86
N HIS B 29 9.82 -0.43 -28.49
CA HIS B 29 9.55 -0.07 -27.10
C HIS B 29 9.74 -1.26 -26.17
N GLN B 30 9.38 -2.46 -26.64
CA GLN B 30 9.58 -3.67 -25.84
C GLN B 30 11.05 -3.87 -25.49
N THR B 31 11.91 -3.88 -26.50
CA THR B 31 13.32 -4.17 -26.28
C THR B 31 14.01 -3.05 -25.51
N LEU B 32 13.64 -1.80 -25.78
CA LEU B 32 14.24 -0.69 -25.03
C LEU B 32 13.78 -0.70 -23.58
N ILE B 33 12.50 -0.99 -23.34
CA ILE B 33 12.01 -1.17 -21.98
C ILE B 33 12.85 -2.21 -21.25
N ASN B 34 13.06 -3.37 -21.90
CA ASN B 34 13.81 -4.43 -21.25
C ASN B 34 15.27 -4.03 -21.02
N HIS B 35 15.86 -3.30 -21.96
CA HIS B 35 17.23 -2.83 -21.80
C HIS B 35 17.37 -1.91 -20.61
N ILE B 36 16.50 -0.89 -20.52
CA ILE B 36 16.48 0.00 -19.37
C ILE B 36 16.28 -0.79 -18.09
N GLN B 37 15.32 -1.72 -18.11
CA GLN B 37 14.99 -2.48 -16.91
C GLN B 37 16.19 -3.26 -16.39
N SER B 38 16.93 -3.90 -17.29
CA SER B 38 18.04 -4.74 -16.85
C SER B 38 19.33 -3.98 -16.60
N ASN B 39 19.50 -2.77 -17.15
CA ASN B 39 20.76 -2.06 -16.99
C ASN B 39 20.68 -0.79 -16.16
N LEU B 40 19.50 -0.39 -15.67
CA LEU B 40 19.39 0.84 -14.90
C LEU B 40 20.16 0.79 -13.58
N PRO B 41 20.17 -0.34 -12.82
CA PRO B 41 20.97 -0.36 -11.59
C PRO B 41 22.45 -0.09 -11.80
N LYS B 42 23.10 -0.90 -12.64
CA LYS B 42 24.53 -0.73 -12.88
C LYS B 42 24.83 0.62 -13.51
N ALA B 43 24.01 1.06 -14.47
CA ALA B 43 24.24 2.35 -15.11
C ALA B 43 24.11 3.49 -14.10
N SER B 44 23.09 3.45 -13.25
CA SER B 44 22.95 4.45 -12.21
C SER B 44 24.12 4.42 -11.24
N THR B 45 24.74 3.25 -11.07
CA THR B 45 25.93 3.19 -10.22
C THR B 45 27.13 3.84 -10.89
N PHE B 46 27.35 3.56 -12.18
CA PHE B 46 28.62 3.91 -12.82
C PHE B 46 28.62 5.26 -13.53
N LEU B 47 27.47 5.75 -13.98
CA LEU B 47 27.46 6.96 -14.79
C LEU B 47 27.65 8.20 -13.94
N GLN B 48 28.53 9.09 -14.40
CA GLN B 48 28.71 10.41 -13.82
C GLN B 48 27.88 11.42 -14.59
N THR B 49 27.17 12.29 -13.87
CA THR B 49 26.26 13.26 -14.48
C THR B 49 26.41 14.60 -13.76
N PRO B 50 27.27 15.47 -14.28
CA PRO B 50 27.38 16.82 -13.69
C PRO B 50 26.08 17.61 -13.86
N ILE B 51 26.04 18.76 -13.20
CA ILE B 51 24.91 19.67 -13.37
C ILE B 51 24.86 20.12 -14.82
N ARG B 52 23.65 20.38 -15.30
CA ARG B 52 23.47 20.86 -16.67
C ARG B 52 24.02 22.27 -16.83
N GLN B 53 24.43 22.59 -18.05
CA GLN B 53 24.82 23.95 -18.40
C GLN B 53 23.70 24.59 -19.20
N HIS B 54 23.25 25.76 -18.76
CA HIS B 54 22.14 26.47 -19.36
C HIS B 54 22.60 27.86 -19.78
N TYR B 55 22.27 28.23 -21.00
CA TYR B 55 22.56 29.52 -21.57
C TYR B 55 21.29 29.98 -22.27
N ASN B 56 20.84 31.20 -22.01
CA ASN B 56 19.88 31.79 -22.95
C ASN B 56 20.60 32.56 -24.01
N LEU B 57 20.10 32.46 -25.24
CA LEU B 57 20.76 33.01 -26.40
C LEU B 57 20.15 34.31 -26.87
N SER B 58 18.96 34.64 -26.38
CA SER B 58 18.17 35.82 -26.66
C SER B 58 17.06 35.85 -25.62
N PRO B 59 16.34 36.97 -25.44
CA PRO B 59 15.27 37.04 -24.44
C PRO B 59 14.26 35.89 -24.51
N SER B 60 14.25 35.17 -25.64
CA SER B 60 13.26 34.13 -25.88
C SER B 60 13.90 32.79 -26.23
N SER B 61 15.19 32.60 -25.97
CA SER B 61 15.89 31.44 -26.49
C SER B 61 16.91 30.93 -25.48
N SER B 62 17.19 29.62 -25.54
CA SER B 62 18.14 29.03 -24.61
C SER B 62 18.79 27.79 -25.19
N LEU B 63 19.98 27.50 -24.68
CA LEU B 63 20.74 26.30 -25.02
C LEU B 63 21.12 25.57 -23.74
N LEU B 64 21.03 24.23 -23.80
CA LEU B 64 21.31 23.37 -22.66
C LEU B 64 22.29 22.29 -23.09
N LEU B 65 23.33 22.10 -22.27
CA LEU B 65 24.33 21.08 -22.48
C LEU B 65 24.29 20.10 -21.31
N MET B 66 24.13 18.82 -21.61
CA MET B 66 23.99 17.79 -20.59
C MET B 66 24.97 16.66 -20.89
N PRO B 67 26.16 16.69 -20.30
CA PRO B 67 27.11 15.60 -20.49
C PRO B 67 26.97 14.54 -19.42
N SER B 68 27.52 13.37 -19.72
CA SER B 68 27.51 12.24 -18.81
C SER B 68 28.56 11.26 -19.30
N TRP B 69 29.13 10.49 -18.38
CA TRP B 69 30.16 9.56 -18.81
C TRP B 69 30.32 8.46 -17.78
N SER B 70 30.78 7.31 -18.27
CA SER B 70 31.33 6.27 -17.41
C SER B 70 32.65 5.83 -18.01
N SER B 71 33.72 5.95 -17.25
CA SER B 71 35.05 5.53 -17.69
C SER B 71 35.46 4.19 -17.10
N THR B 72 34.55 3.50 -16.44
CA THR B 72 34.77 2.09 -16.14
C THR B 72 34.50 1.29 -17.41
N PRO B 73 35.43 0.41 -17.82
CA PRO B 73 35.26 -0.30 -19.11
C PRO B 73 33.98 -1.11 -19.20
N SER B 74 33.27 -1.34 -18.10
CA SER B 74 32.02 -2.10 -18.12
C SER B 74 30.87 -1.33 -18.77
N PHE B 75 31.07 -0.08 -19.14
CA PHE B 75 30.05 0.79 -19.71
C PHE B 75 30.74 1.96 -20.39
N PRO B 76 31.37 1.73 -21.55
CA PRO B 76 32.41 2.64 -22.06
C PRO B 76 31.87 3.76 -22.95
N TYR B 77 31.16 4.71 -22.35
CA TYR B 77 30.53 5.75 -23.15
C TYR B 77 30.60 7.12 -22.47
N ILE B 78 30.83 8.13 -23.29
CA ILE B 78 30.55 9.52 -22.98
C ILE B 78 29.34 9.94 -23.82
N GLY B 79 28.44 10.70 -23.23
CA GLY B 79 27.29 11.21 -23.95
C GLY B 79 27.14 12.70 -23.67
N VAL B 80 26.68 13.42 -24.69
CA VAL B 80 26.40 14.84 -24.54
C VAL B 80 25.10 15.14 -25.27
N LYS B 81 24.11 15.64 -24.53
CA LYS B 81 22.84 16.09 -25.12
C LYS B 81 22.89 17.61 -25.27
N LEU B 82 22.64 18.08 -26.49
CA LEU B 82 22.57 19.50 -26.80
C LEU B 82 21.13 19.82 -27.17
N VAL B 83 20.51 20.74 -26.42
CA VAL B 83 19.09 21.04 -26.57
C VAL B 83 18.91 22.54 -26.73
N THR B 84 18.20 22.95 -27.77
CA THR B 84 17.72 24.31 -27.92
C THR B 84 16.27 24.40 -27.47
N HIS B 85 15.96 25.45 -26.71
CA HIS B 85 14.61 25.82 -26.30
C HIS B 85 14.27 27.15 -26.95
N PHE B 86 13.34 27.14 -27.89
CA PHE B 86 12.84 28.36 -28.55
C PHE B 86 11.33 28.38 -28.38
N PRO B 87 10.82 28.70 -27.17
CA PRO B 87 9.38 28.56 -26.93
C PRO B 87 8.51 29.33 -27.90
N GLU B 88 8.89 30.56 -28.25
CA GLU B 88 8.09 31.36 -29.18
C GLU B 88 7.96 30.69 -30.55
N ASN B 89 8.85 29.74 -30.86
CA ASN B 89 8.70 28.98 -32.10
C ASN B 89 7.32 28.35 -32.21
N SER B 90 6.73 27.96 -31.08
CA SER B 90 5.41 27.32 -31.10
C SER B 90 4.34 28.22 -31.70
N SER B 91 4.60 29.52 -31.81
CA SER B 91 3.65 30.43 -32.45
C SER B 91 3.75 30.41 -33.97
N GLN B 92 4.40 29.40 -34.55
CA GLN B 92 4.64 29.38 -35.99
C GLN B 92 4.99 27.98 -36.49
N ASN B 93 4.28 26.95 -35.97
CA ASN B 93 4.44 25.57 -36.42
C ASN B 93 5.83 25.02 -36.14
N LEU B 94 6.74 25.85 -35.62
CA LEU B 94 8.09 25.40 -35.32
C LEU B 94 8.12 24.69 -33.97
N PRO B 95 8.94 23.65 -33.83
CA PRO B 95 9.06 22.98 -32.53
C PRO B 95 9.94 23.76 -31.57
N GLY B 96 9.53 23.78 -30.30
CA GLY B 96 10.24 24.56 -29.31
C GLY B 96 11.54 23.90 -28.86
N VAL B 97 11.50 22.59 -28.64
CA VAL B 97 12.65 21.84 -28.12
C VAL B 97 13.26 21.07 -29.27
N GLN B 98 14.55 21.27 -29.51
CA GLN B 98 15.27 20.59 -30.58
C GLN B 98 16.67 20.23 -30.09
N GLY B 99 17.37 19.36 -30.81
CA GLY B 99 18.76 19.14 -30.46
C GLY B 99 19.31 17.85 -31.02
N SER B 100 20.46 17.45 -30.47
CA SER B 100 21.18 16.26 -30.88
C SER B 100 21.87 15.62 -29.68
N TYR B 101 21.96 14.30 -29.70
CA TYR B 101 22.70 13.54 -28.70
C TYR B 101 23.92 12.94 -29.36
N VAL B 102 25.09 13.19 -28.78
CA VAL B 102 26.37 12.78 -29.35
C VAL B 102 27.01 11.77 -28.40
N LEU B 103 27.37 10.61 -28.95
CA LEU B 103 27.98 9.52 -28.20
C LEU B 103 29.46 9.42 -28.56
N PHE B 104 30.30 9.21 -27.55
CA PHE B 104 31.73 9.01 -27.70
C PHE B 104 32.14 7.72 -27.00
N ASN B 105 33.20 7.10 -27.52
CA ASN B 105 33.85 5.97 -26.86
C ASN B 105 34.67 6.49 -25.69
N SER B 106 34.41 5.95 -24.50
CA SER B 106 35.10 6.44 -23.31
C SER B 106 36.44 5.76 -23.05
N THR B 107 36.84 4.81 -23.89
CA THR B 107 38.20 4.26 -23.80
C THR B 107 39.17 5.02 -24.70
N THR B 108 38.73 5.37 -25.92
CA THR B 108 39.58 6.03 -26.89
C THR B 108 39.24 7.50 -27.11
N GLY B 109 38.01 7.92 -26.82
CA GLY B 109 37.60 9.30 -27.03
C GLY B 109 37.02 9.57 -28.40
N GLN B 110 36.90 8.56 -29.25
CA GLN B 110 36.39 8.76 -30.60
C GLN B 110 34.90 9.06 -30.60
N THR B 111 34.49 10.02 -31.43
CA THR B 111 33.07 10.22 -31.67
C THR B 111 32.49 9.00 -32.36
N LEU B 112 31.47 8.39 -31.76
CA LEU B 112 30.87 7.16 -32.25
C LEU B 112 29.59 7.38 -33.03
N ALA B 113 28.67 8.19 -32.50
CA ALA B 113 27.38 8.36 -33.13
C ALA B 113 26.75 9.67 -32.68
N SER B 114 25.83 10.17 -33.51
CA SER B 114 25.02 11.35 -33.21
C SER B 114 23.59 11.08 -33.65
N MET B 115 22.63 11.60 -32.91
CA MET B 115 21.22 11.34 -33.20
C MET B 115 20.37 12.47 -32.64
N ASP B 116 19.14 12.57 -33.14
CA ASP B 116 18.25 13.67 -32.80
C ASP B 116 17.78 13.54 -31.35
N SER B 117 18.02 14.59 -30.56
CA SER B 117 17.77 14.51 -29.13
C SER B 117 16.28 14.37 -28.81
N THR B 118 15.41 15.02 -29.58
CA THR B 118 14.00 15.04 -29.20
C THR B 118 13.31 13.70 -29.51
N GLU B 119 13.66 13.06 -30.62
CA GLU B 119 13.10 11.74 -30.91
C GLU B 119 13.57 10.71 -29.88
N LEU B 120 14.87 10.73 -29.57
CA LEU B 120 15.39 9.87 -28.52
C LEU B 120 14.69 10.14 -27.19
N THR B 121 14.35 11.40 -26.93
CA THR B 121 13.62 11.73 -25.71
C THR B 121 12.22 11.13 -25.71
N LEU B 122 11.53 11.23 -26.85
CA LEU B 122 10.21 10.60 -26.96
C LEU B 122 10.31 9.13 -26.58
N TYR B 123 11.23 8.40 -27.23
CA TYR B 123 11.41 6.98 -26.92
C TYR B 123 11.76 6.77 -25.46
N ARG B 124 12.68 7.58 -24.93
CA ARG B 124 13.19 7.40 -23.57
C ARG B 124 12.07 7.51 -22.55
N THR B 125 11.34 8.63 -22.55
CA THR B 125 10.29 8.83 -21.56
C THR B 125 9.15 7.82 -21.76
N SER B 126 8.79 7.53 -23.01
CA SER B 126 7.69 6.60 -23.24
C SER B 126 8.00 5.22 -22.68
N CYS B 127 9.22 4.71 -22.92
CA CYS B 127 9.57 3.40 -22.39
C CYS B 127 9.87 3.42 -20.89
N VAL B 128 10.31 4.55 -20.33
CA VAL B 128 10.42 4.65 -18.88
C VAL B 128 9.04 4.48 -18.24
N SER B 129 8.04 5.17 -18.78
CA SER B 129 6.69 5.04 -18.23
C SER B 129 6.09 3.67 -18.50
N GLY B 130 6.43 3.04 -19.62
CA GLY B 130 6.01 1.66 -19.84
C GLY B 130 6.61 0.72 -18.80
N LEU B 131 7.91 0.85 -18.52
CA LEU B 131 8.53 0.03 -17.50
C LEU B 131 7.94 0.30 -16.12
N ALA B 132 7.54 1.55 -15.86
CA ALA B 132 6.84 1.84 -14.61
C ALA B 132 5.49 1.14 -14.54
N SER B 133 4.76 1.13 -15.66
CA SER B 133 3.54 0.33 -15.74
C SER B 133 3.81 -1.14 -15.48
N LYS B 134 5.00 -1.61 -15.83
CA LYS B 134 5.34 -3.01 -15.56
C LYS B 134 5.27 -3.34 -14.08
N TYR B 135 5.60 -2.38 -13.20
CA TYR B 135 5.58 -2.62 -11.77
C TYR B 135 4.35 -2.07 -11.06
N LEU B 136 3.61 -1.15 -11.68
CA LEU B 136 2.55 -0.43 -10.98
C LEU B 136 1.17 -0.50 -11.61
N ALA B 137 1.06 -0.80 -12.91
CA ALA B 137 -0.23 -1.02 -13.51
C ALA B 137 -0.72 -2.42 -13.14
N ARG B 138 -2.00 -2.53 -12.81
CA ARG B 138 -2.55 -3.85 -12.54
C ARG B 138 -2.72 -4.63 -13.83
N ASP B 139 -2.64 -5.95 -13.72
CA ASP B 139 -2.72 -6.83 -14.89
C ASP B 139 -4.06 -6.69 -15.57
N ASP B 140 -4.19 -5.66 -16.41
CA ASP B 140 -5.43 -5.40 -17.15
C ASP B 140 -5.08 -4.79 -18.50
N SER B 141 -5.57 -5.41 -19.57
CA SER B 141 -5.25 -5.02 -20.94
C SER B 141 -6.44 -4.35 -21.59
N GLU B 142 -6.18 -3.74 -22.76
CA GLU B 142 -7.17 -3.02 -23.55
C GLU B 142 -7.91 -1.97 -22.74
N ILE B 143 -7.39 -1.63 -21.56
CA ILE B 143 -7.97 -0.58 -20.72
C ILE B 143 -6.91 0.51 -20.56
N LEU B 144 -6.83 1.41 -21.52
CA LEU B 144 -5.79 2.44 -21.57
C LEU B 144 -6.42 3.78 -21.90
N VAL B 145 -6.08 4.80 -21.11
CA VAL B 145 -6.51 6.17 -21.34
C VAL B 145 -5.28 7.00 -21.69
N MET B 146 -5.45 7.94 -22.62
CA MET B 146 -4.36 8.80 -23.05
C MET B 146 -4.85 10.23 -23.14
N VAL B 147 -4.24 11.13 -22.39
CA VAL B 147 -4.65 12.52 -22.32
C VAL B 147 -3.78 13.32 -23.29
N GLY B 148 -4.36 13.69 -24.42
CA GLY B 148 -3.66 14.44 -25.43
C GLY B 148 -3.18 13.57 -26.57
N ALA B 149 -3.05 14.17 -27.74
CA ALA B 149 -2.65 13.48 -28.96
C ALA B 149 -1.36 14.04 -29.52
N GLY B 150 -0.42 14.38 -28.64
CA GLY B 150 0.88 14.82 -29.06
C GLY B 150 1.69 13.69 -29.66
N ALA B 151 2.93 14.02 -30.01
CA ALA B 151 3.83 13.01 -30.59
C ALA B 151 4.14 11.90 -29.61
N LEU B 152 3.97 12.12 -28.31
CA LEU B 152 4.22 11.10 -27.30
C LEU B 152 3.13 10.04 -27.26
N ALA B 153 1.99 10.25 -27.92
CA ALA B 153 0.85 9.36 -27.75
C ALA B 153 1.09 7.97 -28.32
N PRO B 154 1.49 7.79 -29.59
CA PRO B 154 1.71 6.41 -30.07
C PRO B 154 2.84 5.71 -29.35
N HIS B 155 3.91 6.44 -29.02
CA HIS B 155 5.00 5.89 -28.23
C HIS B 155 4.48 5.32 -26.92
N LEU B 156 3.72 6.12 -26.17
CA LEU B 156 3.23 5.66 -24.88
C LEU B 156 2.21 4.53 -25.03
N ILE B 157 1.39 4.55 -26.08
CA ILE B 157 0.51 3.41 -26.34
C ILE B 157 1.31 2.13 -26.49
N LYS B 158 2.33 2.17 -27.35
CA LYS B 158 3.12 0.96 -27.61
C LYS B 158 3.85 0.50 -26.36
N ALA B 159 4.37 1.45 -25.57
CA ALA B 159 5.09 1.09 -24.35
C ALA B 159 4.16 0.45 -23.32
N HIS B 160 2.99 1.06 -23.09
CA HIS B 160 2.05 0.51 -22.11
C HIS B 160 1.50 -0.83 -22.56
N PHE B 161 1.27 -1.01 -23.86
CA PHE B 161 0.82 -2.31 -24.35
C PHE B 161 1.92 -3.36 -24.25
N SER B 162 3.18 -2.95 -24.38
CA SER B 162 4.28 -3.88 -24.13
C SER B 162 4.34 -4.26 -22.66
N ALA B 163 4.06 -3.31 -21.76
CA ALA B 163 4.09 -3.61 -20.33
C ALA B 163 2.88 -4.45 -19.92
N ARG B 164 1.68 -4.03 -20.34
CA ARG B 164 0.44 -4.67 -19.95
C ARG B 164 -0.26 -5.21 -21.20
N PRO B 165 0.16 -6.37 -21.70
CA PRO B 165 -0.42 -6.97 -22.90
C PRO B 165 -1.74 -7.69 -22.63
N ILE B 215 -5.32 2.25 -16.72
CA ILE B 215 -4.23 3.20 -16.68
C ILE B 215 -4.51 4.42 -17.57
N VAL B 216 -4.03 5.58 -17.15
CA VAL B 216 -4.22 6.82 -17.89
C VAL B 216 -2.88 7.56 -17.94
N SER B 217 -2.36 7.77 -19.16
CA SER B 217 -1.08 8.43 -19.36
C SER B 217 -1.33 9.86 -19.83
N CYS B 218 -0.77 10.82 -19.08
CA CYS B 218 -0.90 12.25 -19.36
C CYS B 218 0.43 12.74 -19.90
N ALA B 219 0.48 12.98 -21.22
CA ALA B 219 1.67 13.47 -21.90
C ALA B 219 1.51 14.84 -22.53
N THR B 220 0.29 15.28 -22.81
CA THR B 220 0.02 16.59 -23.40
C THR B 220 -0.57 17.51 -22.34
N ASN B 221 -0.37 18.81 -22.53
CA ASN B 221 -0.77 19.79 -21.53
C ASN B 221 -0.88 21.20 -22.13
N ALA B 225 -7.04 20.05 -19.71
CA ALA B 225 -6.12 18.92 -19.75
C ALA B 225 -5.85 18.39 -18.35
N LEU B 226 -6.13 19.22 -17.34
CA LEU B 226 -5.84 18.85 -15.96
C LEU B 226 -6.78 17.73 -15.50
N VAL B 227 -6.21 16.63 -15.03
CA VAL B 227 -7.00 15.52 -14.52
C VAL B 227 -7.13 15.65 -13.01
N LYS B 228 -8.24 15.15 -12.48
CA LYS B 228 -8.56 15.28 -11.07
C LYS B 228 -8.73 13.90 -10.44
N GLY B 229 -8.29 13.79 -9.18
CA GLY B 229 -8.27 12.51 -8.50
C GLY B 229 -9.64 11.94 -8.19
N GLU B 230 -10.68 12.78 -8.20
CA GLU B 230 -12.02 12.30 -7.91
C GLU B 230 -12.60 11.46 -9.05
N ARG B 231 -12.10 11.64 -10.28
CA ARG B 231 -12.63 10.89 -11.42
C ARG B 231 -12.09 9.46 -11.46
N LEU B 232 -10.85 9.25 -11.01
CA LEU B 232 -10.09 8.08 -11.40
C LEU B 232 -10.72 6.78 -10.89
N LYS B 233 -10.82 5.80 -11.78
CA LYS B 233 -11.22 4.45 -11.41
C LYS B 233 -10.34 3.94 -10.27
N VAL B 234 -10.95 3.16 -9.39
CA VAL B 234 -10.22 2.60 -8.25
C VAL B 234 -9.17 1.61 -8.75
N HIS B 237 -4.10 3.33 -12.75
CA HIS B 237 -2.75 3.88 -12.67
C HIS B 237 -2.61 5.14 -13.51
N LEU B 238 -2.05 6.17 -12.91
CA LEU B 238 -1.84 7.48 -13.51
C LEU B 238 -0.36 7.62 -13.85
N ASP B 239 -0.08 7.96 -15.11
CA ASP B 239 1.29 8.03 -15.61
C ASP B 239 1.53 9.44 -16.10
N LEU B 240 2.15 10.28 -15.27
CA LEU B 240 2.39 11.68 -15.60
C LEU B 240 3.75 11.83 -16.27
N VAL B 241 3.77 12.46 -17.45
CA VAL B 241 4.99 12.72 -18.19
C VAL B 241 5.41 14.16 -17.95
N GLY B 242 6.70 14.37 -17.73
CA GLY B 242 7.22 15.70 -17.48
C GLY B 242 7.79 16.36 -18.72
N SER B 247 6.39 22.80 -17.49
CA SER B 247 5.85 22.30 -16.24
C SER B 247 4.52 22.98 -15.90
N MET B 248 3.44 22.41 -16.44
CA MET B 248 2.09 22.93 -16.32
C MET B 248 1.24 21.93 -15.54
N LYS B 249 0.14 22.42 -14.97
CA LYS B 249 -0.74 21.60 -14.13
C LYS B 249 -1.21 20.36 -14.87
N GLU B 250 -1.12 19.20 -14.21
CA GLU B 250 -1.48 17.92 -14.81
C GLU B 250 -2.50 17.16 -13.96
N CYS B 251 -2.32 17.20 -12.64
CA CYS B 251 -3.21 16.56 -11.69
C CYS B 251 -3.66 17.59 -10.65
N ASP B 252 -4.84 17.36 -10.07
CA ASP B 252 -5.24 18.28 -8.99
C ASP B 252 -4.37 18.03 -7.77
N ASP B 253 -4.58 18.86 -6.75
CA ASP B 253 -3.77 18.79 -5.53
C ASP B 253 -3.74 17.37 -4.98
N GLU B 254 -4.87 16.65 -5.04
CA GLU B 254 -5.00 15.40 -4.33
C GLU B 254 -5.43 14.27 -5.27
N ALA B 255 -4.86 14.25 -6.47
CA ALA B 255 -4.69 12.96 -7.14
C ALA B 255 -3.60 12.15 -6.46
N LEU B 256 -2.83 12.81 -5.60
CA LEU B 256 -1.85 12.20 -4.70
C LEU B 256 -2.46 11.83 -3.36
N LYS B 257 -3.71 12.28 -3.11
CA LYS B 257 -4.47 11.80 -1.95
C LYS B 257 -4.59 10.29 -1.95
N ARG B 258 -5.04 9.74 -3.09
CA ARG B 258 -5.65 8.42 -3.08
C ARG B 258 -4.65 7.34 -2.67
N GLY B 259 -3.46 7.34 -3.25
CA GLY B 259 -2.49 6.27 -3.01
C GLY B 259 -1.04 6.68 -3.13
N LYS B 260 -0.22 5.72 -3.52
CA LYS B 260 1.24 5.81 -3.43
C LYS B 260 1.82 6.40 -4.72
N VAL B 261 2.55 7.51 -4.60
CA VAL B 261 3.10 8.24 -5.73
C VAL B 261 4.56 7.86 -5.91
N PHE B 262 4.94 7.53 -7.14
CA PHE B 262 6.30 7.11 -7.46
C PHE B 262 6.89 8.04 -8.52
N VAL B 263 8.23 8.08 -8.57
CA VAL B 263 8.95 8.98 -9.46
C VAL B 263 10.03 8.17 -10.19
N ASP B 264 10.57 8.77 -11.25
CA ASP B 264 11.64 8.07 -11.96
C ASP B 264 12.97 8.19 -11.23
N ASN B 265 13.22 9.30 -10.55
CA ASN B 265 14.47 9.48 -9.80
C ASN B 265 14.31 10.67 -8.85
N GLU B 266 15.34 10.87 -8.03
CA GLU B 266 15.30 11.86 -6.97
C GLU B 266 14.97 13.25 -7.48
N ALA B 267 15.46 13.60 -8.68
CA ALA B 267 15.31 14.96 -9.19
C ALA B 267 13.85 15.37 -9.30
N ALA B 268 12.95 14.43 -9.57
CA ALA B 268 11.53 14.74 -9.64
C ALA B 268 11.05 15.43 -8.37
N LEU B 269 11.55 14.98 -7.21
CA LEU B 269 11.16 15.55 -5.93
C LEU B 269 11.41 17.04 -5.83
N VAL B 270 12.17 17.64 -6.76
CA VAL B 270 12.40 19.07 -6.77
C VAL B 270 12.03 19.73 -8.09
N GLU B 271 11.54 18.96 -9.06
CA GLU B 271 11.30 19.51 -10.39
C GLU B 271 9.84 19.45 -10.83
N ALA B 272 9.13 18.37 -10.52
CA ALA B 272 7.73 18.26 -10.89
C ALA B 272 6.91 19.31 -10.15
N GLY B 273 6.28 20.20 -10.91
CA GLY B 273 5.50 21.28 -10.30
C GLY B 273 4.43 20.77 -9.37
N GLU B 274 3.71 19.72 -9.78
CA GLU B 274 2.64 19.19 -8.94
C GLU B 274 3.17 18.67 -7.62
N LEU B 275 4.34 18.02 -7.64
CA LEU B 275 4.86 17.38 -6.43
C LEU B 275 5.24 18.42 -5.37
N VAL B 276 6.18 19.31 -5.69
CA VAL B 276 6.57 20.31 -4.71
C VAL B 276 5.45 21.29 -4.43
N GLY B 277 4.52 21.48 -5.37
CA GLY B 277 3.36 22.30 -5.09
C GLY B 277 2.45 21.67 -4.05
N ALA B 278 2.24 20.35 -4.14
CA ALA B 278 1.51 19.65 -3.09
C ALA B 278 2.28 19.64 -1.79
N PHE B 279 3.61 19.71 -1.86
CA PHE B 279 4.40 19.80 -0.64
C PHE B 279 4.28 21.18 0.01
N GLU B 280 4.08 22.23 -0.79
CA GLU B 280 3.85 23.56 -0.22
C GLU B 280 2.66 23.56 0.72
N ARG B 281 1.49 23.19 0.19
CA ARG B 281 0.25 23.18 0.95
C ARG B 281 0.19 22.05 1.98
N GLY B 282 1.23 21.23 2.06
CA GLY B 282 1.35 20.26 3.14
C GLY B 282 0.41 19.08 3.05
N VAL B 283 -0.01 18.69 1.85
CA VAL B 283 -0.91 17.56 1.74
C VAL B 283 -0.17 16.24 1.90
N ILE B 284 1.11 16.19 1.51
CA ILE B 284 1.93 14.99 1.69
C ILE B 284 3.35 15.43 2.03
N LYS B 285 4.00 14.64 2.88
CA LYS B 285 5.41 14.84 3.22
C LYS B 285 6.27 13.91 2.38
N GLU B 286 7.59 14.14 2.44
CA GLU B 286 8.51 13.38 1.60
C GLU B 286 8.68 11.95 2.10
N ASP B 287 8.32 11.67 3.35
CA ASP B 287 8.26 10.29 3.81
C ASP B 287 7.25 9.49 3.00
N GLU B 288 6.19 10.14 2.52
CA GLU B 288 5.05 9.47 1.92
C GLU B 288 5.22 9.16 0.44
N ILE B 289 6.29 9.66 -0.19
CA ILE B 289 6.62 9.21 -1.54
C ILE B 289 6.96 7.73 -1.50
N GLY B 290 6.39 6.95 -2.42
CA GLY B 290 6.51 5.51 -2.36
C GLY B 290 7.78 4.94 -2.96
N GLY B 291 8.63 5.74 -3.58
CA GLY B 291 9.90 5.29 -4.10
C GLY B 291 10.12 5.74 -5.53
N ASN B 292 11.31 5.45 -6.04
CA ASN B 292 11.68 5.79 -7.40
C ASN B 292 11.78 4.53 -8.26
N LEU B 293 11.97 4.76 -9.57
CA LEU B 293 11.94 3.66 -10.54
C LEU B 293 13.02 2.63 -10.24
N LEU B 294 14.19 3.08 -9.77
CA LEU B 294 15.27 2.15 -9.46
C LEU B 294 14.86 1.20 -8.33
N GLU B 295 14.30 1.74 -7.25
CA GLU B 295 13.85 0.90 -6.14
C GLU B 295 12.75 -0.05 -6.55
N LEU B 296 11.89 0.35 -7.49
CA LEU B 296 10.83 -0.53 -7.94
C LEU B 296 11.38 -1.65 -8.81
N ILE B 297 12.28 -1.32 -9.74
CA ILE B 297 12.96 -2.34 -10.54
C ILE B 297 13.61 -3.35 -9.61
N ARG B 298 14.37 -2.86 -8.63
CA ARG B 298 15.05 -3.70 -7.67
C ARG B 298 14.06 -4.38 -6.72
N GLY B 299 12.89 -3.79 -6.46
CA GLY B 299 11.97 -4.39 -5.51
C GLY B 299 12.18 -3.94 -4.08
N ASP B 300 13.09 -2.99 -3.87
CA ASP B 300 13.36 -2.50 -2.53
C ASP B 300 12.17 -1.74 -1.97
N LYS B 301 11.41 -1.07 -2.82
CA LYS B 301 10.13 -0.49 -2.46
C LYS B 301 9.06 -1.20 -3.28
N VAL B 302 7.99 -1.63 -2.61
CA VAL B 302 6.98 -2.46 -3.25
C VAL B 302 6.20 -1.65 -4.27
N GLY B 303 5.81 -2.30 -5.36
CA GLY B 303 4.92 -1.68 -6.33
C GLY B 303 3.47 -1.71 -5.91
N ARG B 304 2.58 -1.98 -6.85
CA ARG B 304 1.16 -2.13 -6.54
C ARG B 304 0.98 -3.29 -5.56
N SER B 305 0.27 -3.03 -4.46
CA SER B 305 0.03 -4.04 -3.46
C SER B 305 -1.43 -4.42 -3.30
N SER B 306 -2.36 -3.53 -3.60
CA SER B 306 -3.77 -3.80 -3.36
C SER B 306 -4.42 -4.39 -4.60
N SER B 307 -5.73 -4.25 -4.71
CA SER B 307 -6.51 -4.77 -5.83
C SER B 307 -6.98 -3.68 -6.78
N GLU B 308 -7.83 -2.78 -6.30
CA GLU B 308 -8.20 -1.55 -6.99
C GLU B 308 -7.37 -0.39 -6.49
N GLU B 309 -6.06 -0.58 -6.36
CA GLU B 309 -5.24 0.41 -5.70
C GLU B 309 -5.00 1.63 -6.58
N ILE B 310 -4.39 2.62 -5.97
CA ILE B 310 -4.00 3.85 -6.61
C ILE B 310 -2.51 3.79 -6.85
N THR B 311 -2.10 4.08 -8.08
CA THR B 311 -0.69 4.27 -8.41
C THR B 311 -0.60 5.46 -9.34
N VAL B 312 0.45 6.26 -9.16
CA VAL B 312 0.83 7.28 -10.12
C VAL B 312 2.35 7.27 -10.21
N PHE B 313 2.86 7.63 -11.38
CA PHE B 313 4.29 7.65 -11.65
C PHE B 313 4.61 8.94 -12.40
N LYS B 314 5.35 9.84 -11.75
CA LYS B 314 5.72 11.11 -12.36
C LYS B 314 7.16 11.01 -12.87
N SER B 315 7.33 11.16 -14.18
CA SER B 315 8.66 11.11 -14.78
C SER B 315 9.08 12.52 -15.19
N VAL B 316 10.35 12.84 -14.93
CA VAL B 316 10.94 14.08 -15.41
C VAL B 316 12.14 13.85 -16.32
N GLY B 317 12.76 12.68 -16.27
CA GLY B 317 13.90 12.37 -17.10
C GLY B 317 15.20 12.34 -16.31
N SER B 318 16.21 11.73 -16.92
CA SER B 318 17.53 11.68 -16.31
C SER B 318 18.55 11.43 -17.41
N ALA B 319 19.77 11.91 -17.18
CA ALA B 319 20.85 11.65 -18.13
C ALA B 319 21.15 10.16 -18.25
N VAL B 320 20.90 9.40 -17.18
CA VAL B 320 21.26 7.98 -17.19
C VAL B 320 20.38 7.22 -18.19
N VAL B 321 19.09 7.53 -18.26
CA VAL B 321 18.23 6.85 -19.21
C VAL B 321 18.53 7.31 -20.64
N ASP B 322 18.84 8.59 -20.80
CA ASP B 322 19.27 9.07 -22.11
C ASP B 322 20.50 8.31 -22.60
N MET B 323 21.47 8.10 -21.71
CA MET B 323 22.66 7.35 -22.09
C MET B 323 22.32 5.89 -22.40
N LEU B 324 21.47 5.26 -21.58
CA LEU B 324 21.09 3.88 -21.85
C LEU B 324 20.44 3.74 -23.22
N ALA B 325 19.57 4.70 -23.57
CA ALA B 325 18.88 4.64 -24.86
C ALA B 325 19.84 4.90 -26.02
N ALA B 326 20.71 5.91 -25.89
CA ALA B 326 21.68 6.19 -26.94
C ALA B 326 22.61 4.99 -27.14
N GLN B 327 23.05 4.37 -26.05
CA GLN B 327 23.89 3.18 -26.14
C GLN B 327 23.15 2.06 -26.86
N PHE B 328 21.88 1.83 -26.48
CA PHE B 328 21.14 0.73 -27.11
C PHE B 328 20.99 0.96 -28.60
N VAL B 329 20.64 2.20 -28.99
CA VAL B 329 20.53 2.54 -30.41
C VAL B 329 21.84 2.24 -31.13
N TYR B 330 22.95 2.80 -30.62
CA TYR B 330 24.23 2.63 -31.31
C TYR B 330 24.67 1.17 -31.36
N GLU B 331 24.46 0.43 -30.27
CA GLU B 331 24.96 -0.93 -30.20
C GLU B 331 24.18 -1.85 -31.11
N THR B 332 22.84 -1.81 -31.05
CA THR B 332 22.06 -2.68 -31.92
C THR B 332 22.06 -2.21 -33.36
N TYR B 333 22.44 -0.97 -33.64
CA TYR B 333 22.63 -0.54 -35.02
C TYR B 333 23.88 -1.19 -35.61
N THR B 334 24.96 -1.28 -34.84
CA THR B 334 26.19 -1.90 -35.31
C THR B 334 26.18 -3.42 -35.17
N ARG B 335 25.05 -4.01 -34.79
CA ARG B 335 24.91 -5.45 -34.61
C ARG B 335 25.86 -5.97 -33.54
#